data_7AK3
#
_entry.id   7AK3
#
_cell.length_a   91.022
_cell.length_b   64.159
_cell.length_c   78.529
_cell.angle_alpha   90.000
_cell.angle_beta   119.310
_cell.angle_gamma   90.000
#
_symmetry.space_group_name_H-M   'C 1 2 1'
#
loop_
_entity.id
_entity.type
_entity.pdbx_description
1 polymer 'Dual specificity protein kinase CLK1'
2 non-polymer ~{N}-[3-fluoranyl-4-(4-methylpiperazin-1-yl)phenyl]-4-pyrazolo[1,5-b]pyridazin-3-yl-pyrimidin-2-amine
3 water water
#
_entity_poly.entity_id   1
_entity_poly.type   'polypeptide(L)'
_entity_poly.pdbx_seq_one_letter_code
;SMHLICQSGDVLSARYEIVDTLGEGAFGKVVECIDHKAGGRHVAVKIVKNVDRYCEAARSEIQVLEHLNTTDPNSTFRCV
QMLEWFEHHGHICIVFELLGLSTYDFIKENGFLPFRLDHIRKMAYQICKSVNFLHSNKLTHTDLKPENILFVQSDYTEAY
NPKIKRDERTLINPDIKVVDFGSATYDDEHHSTLVSTRHYRAPEVILALGWSQPCDVWSIGCILIEYYLGFTVFPTHDSK
EHLAMMERILGPLPKHMIQKTRKRKYFHHDRLDWDEHSSAGRYVSRACKPLKEFMLSQDVEHERLFDLIQKMLEYDPAKR
ITLREALKHPFFDLLKKSI
;
_entity_poly.pdbx_strand_id   A
#
# COMPACT_ATOMS: atom_id res chain seq x y z
N MET A 2 -17.29 11.81 -16.05
CA MET A 2 -17.23 11.01 -14.79
C MET A 2 -18.18 11.61 -13.76
N HIS A 3 -17.97 12.87 -13.35
CA HIS A 3 -18.86 13.62 -12.42
C HIS A 3 -20.22 13.83 -13.07
N LEU A 4 -20.29 13.75 -14.41
CA LEU A 4 -21.54 13.79 -15.23
C LEU A 4 -22.37 12.51 -14.97
N ILE A 5 -21.81 11.53 -14.26
CA ILE A 5 -22.41 10.17 -14.04
C ILE A 5 -22.60 9.93 -12.54
N CYS A 6 -22.41 10.96 -11.71
CA CYS A 6 -22.66 10.90 -10.25
C CYS A 6 -22.85 12.29 -9.64
N GLN A 7 -23.87 12.40 -8.80
CA GLN A 7 -24.19 13.52 -7.90
C GLN A 7 -24.98 12.89 -6.75
N SER A 8 -24.91 13.48 -5.56
N SER A 8 -24.91 13.47 -5.56
CA SER A 8 -25.68 13.05 -4.36
CA SER A 8 -25.66 12.99 -4.36
C SER A 8 -27.18 13.02 -4.73
C SER A 8 -27.17 13.02 -4.68
N GLY A 9 -27.83 11.87 -4.58
CA GLY A 9 -29.23 11.67 -4.96
C GLY A 9 -29.37 10.69 -6.10
N ASP A 10 -28.35 10.58 -6.96
CA ASP A 10 -28.34 9.67 -8.14
C ASP A 10 -28.55 8.24 -7.66
N VAL A 11 -29.36 7.46 -8.37
CA VAL A 11 -29.64 6.03 -8.06
C VAL A 11 -28.98 5.16 -9.14
N LEU A 12 -28.23 4.16 -8.70
CA LEU A 12 -27.43 3.24 -9.57
C LEU A 12 -28.05 1.85 -9.47
N SER A 13 -28.20 1.18 -10.63
CA SER A 13 -28.74 -0.20 -10.76
C SER A 13 -30.08 -0.29 -10.02
N ALA A 14 -30.88 0.77 -10.07
CA ALA A 14 -32.20 0.89 -9.39
C ALA A 14 -32.12 0.26 -7.98
N ARG A 15 -31.06 0.57 -7.23
CA ARG A 15 -30.75 -0.10 -5.94
C ARG A 15 -29.98 0.86 -5.03
N TYR A 16 -28.91 1.47 -5.53
CA TYR A 16 -27.89 2.20 -4.74
C TYR A 16 -28.12 3.71 -4.89
N GLU A 17 -28.49 4.37 -3.79
CA GLU A 17 -28.68 5.85 -3.74
C GLU A 17 -27.39 6.50 -3.24
N ILE A 18 -26.76 7.33 -4.07
CA ILE A 18 -25.54 8.10 -3.73
C ILE A 18 -25.89 9.11 -2.64
N VAL A 19 -25.15 9.09 -1.53
CA VAL A 19 -25.30 10.09 -0.43
C VAL A 19 -24.04 10.96 -0.34
N ASP A 20 -22.89 10.46 -0.78
CA ASP A 20 -21.58 11.13 -0.59
C ASP A 20 -20.57 10.56 -1.58
N THR A 21 -19.65 11.40 -2.08
CA THR A 21 -18.36 11.00 -2.68
C THR A 21 -17.39 10.74 -1.52
N LEU A 22 -16.77 9.56 -1.46
CA LEU A 22 -15.78 9.24 -0.41
C LEU A 22 -14.40 9.77 -0.84
N GLY A 23 -13.98 9.48 -2.08
CA GLY A 23 -12.71 9.97 -2.63
C GLY A 23 -12.62 9.75 -4.13
N GLU A 24 -11.65 10.40 -4.77
CA GLU A 24 -11.36 10.31 -6.21
C GLU A 24 -9.94 9.77 -6.39
N GLY A 25 -9.58 9.40 -7.62
CA GLY A 25 -8.24 8.94 -8.00
C GLY A 25 -8.12 8.80 -9.51
N ALA A 26 -7.00 8.24 -9.97
CA ALA A 26 -6.72 7.95 -11.39
C ALA A 26 -7.76 6.94 -11.93
N PHE A 27 -8.23 6.05 -11.06
CA PHE A 27 -9.20 4.96 -11.37
C PHE A 27 -10.58 5.54 -11.69
N GLY A 28 -10.92 6.65 -11.03
CA GLY A 28 -12.30 7.20 -10.98
C GLY A 28 -12.61 7.67 -9.57
N LYS A 29 -13.80 7.35 -9.05
CA LYS A 29 -14.20 7.80 -7.69
C LYS A 29 -14.96 6.69 -6.96
N VAL A 30 -14.94 6.74 -5.64
CA VAL A 30 -15.72 5.85 -4.74
C VAL A 30 -16.79 6.71 -4.05
N VAL A 31 -18.04 6.27 -4.10
CA VAL A 31 -19.22 6.99 -3.54
C VAL A 31 -19.86 6.08 -2.48
N GLU A 32 -20.32 6.67 -1.37
CA GLU A 32 -21.13 5.98 -0.33
C GLU A 32 -22.57 5.96 -0.82
N CYS A 33 -23.21 4.79 -0.76
CA CYS A 33 -24.61 4.57 -1.22
C CYS A 33 -25.43 3.90 -0.13
N ILE A 34 -26.72 4.27 -0.03
CA ILE A 34 -27.76 3.43 0.61
C ILE A 34 -28.15 2.34 -0.40
N ASP A 35 -28.05 1.08 0.00
CA ASP A 35 -28.59 -0.07 -0.75
C ASP A 35 -30.06 -0.26 -0.36
N HIS A 36 -31.00 0.10 -1.24
CA HIS A 36 -32.46 0.08 -0.95
C HIS A 36 -32.99 -1.36 -0.96
N LYS A 37 -32.30 -2.31 -1.58
CA LYS A 37 -32.71 -3.75 -1.64
C LYS A 37 -31.88 -4.61 -0.67
N ALA A 38 -31.19 -3.99 0.31
CA ALA A 38 -30.50 -4.68 1.42
C ALA A 38 -30.74 -3.92 2.74
N GLY A 39 -31.98 -3.50 2.98
CA GLY A 39 -32.45 -2.91 4.24
C GLY A 39 -31.82 -1.56 4.53
N GLY A 40 -31.25 -0.89 3.51
CA GLY A 40 -30.67 0.45 3.67
C GLY A 40 -29.27 0.42 4.28
N ARG A 41 -28.65 -0.77 4.28
CA ARG A 41 -27.19 -0.95 4.49
C ARG A 41 -26.46 0.09 3.64
N HIS A 42 -25.47 0.78 4.22
CA HIS A 42 -24.56 1.71 3.51
C HIS A 42 -23.45 0.89 2.87
N VAL A 43 -23.10 1.22 1.62
CA VAL A 43 -22.03 0.51 0.84
C VAL A 43 -21.17 1.55 0.16
N ALA A 44 -19.95 1.16 -0.23
CA ALA A 44 -19.06 1.92 -1.13
C ALA A 44 -19.23 1.32 -2.52
N VAL A 45 -19.36 2.18 -3.53
CA VAL A 45 -19.40 1.78 -4.97
C VAL A 45 -18.27 2.50 -5.69
N LYS A 46 -17.35 1.75 -6.29
CA LYS A 46 -16.24 2.31 -7.11
C LYS A 46 -16.73 2.43 -8.55
N ILE A 47 -16.69 3.64 -9.08
CA ILE A 47 -17.11 3.97 -10.48
C ILE A 47 -15.83 4.19 -11.28
N VAL A 48 -15.59 3.32 -12.28
CA VAL A 48 -14.26 3.22 -12.96
C VAL A 48 -14.32 4.06 -14.23
N LYS A 49 -13.36 5.00 -14.36
CA LYS A 49 -13.13 5.83 -15.57
C LYS A 49 -13.30 4.97 -16.82
N ASN A 50 -13.97 5.50 -17.85
CA ASN A 50 -14.30 4.74 -19.09
C ASN A 50 -13.07 4.69 -20.02
N VAL A 51 -11.88 4.48 -19.43
CA VAL A 51 -10.60 4.22 -20.15
C VAL A 51 -10.36 2.71 -20.11
N ASP A 52 -9.97 2.11 -21.24
CA ASP A 52 -9.70 0.64 -21.38
C ASP A 52 -8.72 0.21 -20.27
N ARG A 53 -7.63 0.97 -20.07
CA ARG A 53 -6.61 0.74 -19.01
C ARG A 53 -7.32 0.38 -17.70
N TYR A 54 -8.23 1.24 -17.24
CA TYR A 54 -8.95 1.08 -15.96
C TYR A 54 -10.09 0.05 -16.13
N CYS A 55 -10.77 0.05 -17.28
CA CYS A 55 -11.77 -0.99 -17.66
C CYS A 55 -11.14 -2.37 -17.44
N GLU A 56 -9.95 -2.61 -18.01
CA GLU A 56 -9.23 -3.90 -17.91
C GLU A 56 -8.97 -4.20 -16.44
N ALA A 57 -8.40 -3.22 -15.73
CA ALA A 57 -8.04 -3.30 -14.30
C ALA A 57 -9.27 -3.69 -13.48
N ALA A 58 -10.38 -3.01 -13.69
CA ALA A 58 -11.67 -3.24 -12.97
C ALA A 58 -12.13 -4.68 -13.19
N ARG A 59 -12.05 -5.17 -14.44
CA ARG A 59 -12.56 -6.52 -14.81
C ARG A 59 -11.74 -7.59 -14.10
N SER A 60 -10.40 -7.46 -14.05
CA SER A 60 -9.52 -8.45 -13.36
C SER A 60 -9.75 -8.36 -11.85
N GLU A 61 -9.90 -7.15 -11.30
CA GLU A 61 -10.20 -6.88 -9.86
C GLU A 61 -11.43 -7.71 -9.44
N ILE A 62 -12.43 -7.81 -10.30
CA ILE A 62 -13.70 -8.54 -10.02
C ILE A 62 -13.44 -10.04 -9.98
N GLN A 63 -12.59 -10.55 -10.88
CA GLN A 63 -12.25 -12.01 -10.97
C GLN A 63 -11.41 -12.42 -9.76
N VAL A 64 -10.47 -11.56 -9.37
CA VAL A 64 -9.62 -11.76 -8.16
C VAL A 64 -10.52 -11.76 -6.91
N LEU A 65 -11.47 -10.83 -6.83
CA LEU A 65 -12.28 -10.67 -5.60
C LEU A 65 -13.36 -11.76 -5.51
N GLU A 66 -13.92 -12.22 -6.63
CA GLU A 66 -14.80 -13.42 -6.63
C GLU A 66 -14.00 -14.59 -6.08
N HIS A 67 -12.75 -14.73 -6.51
CA HIS A 67 -11.84 -15.82 -6.07
C HIS A 67 -11.60 -15.67 -4.56
N LEU A 68 -10.97 -14.56 -4.14
CA LEU A 68 -10.65 -14.29 -2.71
C LEU A 68 -11.91 -14.45 -1.85
N ASN A 69 -13.05 -13.89 -2.27
CA ASN A 69 -14.31 -13.93 -1.48
C ASN A 69 -14.80 -15.37 -1.35
N THR A 70 -14.75 -16.18 -2.41
CA THR A 70 -15.19 -17.60 -2.37
C THR A 70 -14.26 -18.36 -1.42
N THR A 71 -12.96 -18.09 -1.49
CA THR A 71 -11.89 -18.77 -0.72
C THR A 71 -11.93 -18.36 0.76
N ASP A 72 -12.37 -17.14 1.07
CA ASP A 72 -12.38 -16.59 2.45
C ASP A 72 -13.74 -15.93 2.70
N PRO A 73 -14.83 -16.71 2.69
CA PRO A 73 -16.18 -16.13 2.78
C PRO A 73 -16.39 -15.35 4.08
N ASN A 74 -15.69 -15.74 5.16
CA ASN A 74 -15.73 -15.10 6.49
C ASN A 74 -14.85 -13.84 6.53
N SER A 75 -14.02 -13.62 5.50
CA SER A 75 -13.07 -12.48 5.36
C SER A 75 -12.09 -12.47 6.53
N THR A 76 -11.73 -13.66 7.03
CA THR A 76 -10.74 -13.89 8.13
C THR A 76 -9.41 -13.18 7.81
N PHE A 77 -9.04 -13.06 6.53
CA PHE A 77 -7.75 -12.47 6.09
C PHE A 77 -7.98 -11.02 5.60
N ARG A 78 -9.09 -10.41 6.00
CA ARG A 78 -9.31 -8.93 5.97
C ARG A 78 -9.06 -8.32 4.58
N CYS A 79 -9.27 -9.07 3.50
CA CYS A 79 -9.41 -8.47 2.15
C CYS A 79 -10.78 -7.79 2.08
N VAL A 80 -10.86 -6.62 1.43
CA VAL A 80 -12.13 -5.88 1.22
C VAL A 80 -13.13 -6.84 0.54
N GLN A 81 -14.37 -6.92 1.04
CA GLN A 81 -15.42 -7.81 0.45
C GLN A 81 -16.21 -7.06 -0.62
N MET A 82 -16.14 -7.54 -1.86
CA MET A 82 -16.98 -7.07 -2.98
C MET A 82 -18.33 -7.77 -2.85
N LEU A 83 -19.44 -7.03 -2.95
CA LEU A 83 -20.81 -7.58 -2.80
C LEU A 83 -21.37 -7.93 -4.18
N GLU A 84 -21.12 -7.09 -5.18
CA GLU A 84 -21.47 -7.35 -6.59
C GLU A 84 -20.92 -6.21 -7.46
N TRP A 85 -21.15 -6.27 -8.77
CA TRP A 85 -20.72 -5.25 -9.76
C TRP A 85 -21.82 -5.08 -10.81
N PHE A 86 -21.69 -4.07 -11.68
CA PHE A 86 -22.67 -3.71 -12.74
C PHE A 86 -22.10 -2.61 -13.64
N GLU A 87 -22.86 -2.23 -14.68
CA GLU A 87 -22.52 -1.17 -15.67
C GLU A 87 -23.57 -0.06 -15.61
N HIS A 88 -23.09 1.19 -15.56
CA HIS A 88 -23.91 2.43 -15.46
C HIS A 88 -23.33 3.40 -16.49
N HIS A 89 -24.08 3.66 -17.57
CA HIS A 89 -23.67 4.55 -18.69
C HIS A 89 -22.26 4.18 -19.17
N GLY A 90 -21.98 2.87 -19.28
CA GLY A 90 -20.72 2.34 -19.85
C GLY A 90 -19.53 2.39 -18.91
N HIS A 91 -19.73 2.78 -17.64
CA HIS A 91 -18.69 2.75 -16.58
C HIS A 91 -18.91 1.51 -15.71
N ILE A 92 -17.86 0.71 -15.49
CA ILE A 92 -17.94 -0.47 -14.58
C ILE A 92 -18.04 0.04 -13.14
N CYS A 93 -18.97 -0.53 -12.36
CA CYS A 93 -19.22 -0.18 -10.95
C CYS A 93 -19.08 -1.44 -10.10
N ILE A 94 -18.28 -1.36 -9.02
CA ILE A 94 -18.05 -2.47 -8.05
C ILE A 94 -18.54 -2.02 -6.67
N VAL A 95 -19.41 -2.83 -6.05
CA VAL A 95 -20.03 -2.57 -4.72
C VAL A 95 -19.21 -3.34 -3.68
N PHE A 96 -18.75 -2.64 -2.63
CA PHE A 96 -17.94 -3.23 -1.53
C PHE A 96 -18.63 -2.94 -0.19
N GLU A 97 -18.29 -3.71 0.84
CA GLU A 97 -18.54 -3.33 2.26
C GLU A 97 -17.96 -1.91 2.43
N LEU A 98 -18.64 -1.04 3.17
CA LEU A 98 -18.14 0.35 3.40
C LEU A 98 -16.94 0.30 4.34
N LEU A 99 -15.83 0.93 3.95
CA LEU A 99 -14.64 1.15 4.81
C LEU A 99 -14.42 2.66 4.99
N GLY A 100 -13.73 3.04 6.06
CA GLY A 100 -13.33 4.43 6.33
C GLY A 100 -12.19 4.86 5.42
N LEU A 101 -11.55 5.97 5.76
CA LEU A 101 -10.49 6.63 4.95
C LEU A 101 -9.16 5.87 5.05
N SER A 102 -8.23 6.17 4.15
CA SER A 102 -6.94 5.44 3.96
C SER A 102 -5.95 5.83 5.05
N THR A 103 -4.97 4.97 5.28
CA THR A 103 -3.84 5.23 6.22
C THR A 103 -3.12 6.50 5.77
N TYR A 104 -3.07 6.77 4.45
CA TYR A 104 -2.51 8.02 3.90
C TYR A 104 -3.36 9.22 4.33
N ASP A 105 -4.67 9.14 4.11
CA ASP A 105 -5.63 10.24 4.41
C ASP A 105 -5.47 10.65 5.88
N PHE A 106 -5.45 9.66 6.79
CA PHE A 106 -5.38 9.86 8.26
C PHE A 106 -4.05 10.54 8.60
N ILE A 107 -2.96 10.10 7.99
CA ILE A 107 -1.62 10.72 8.20
C ILE A 107 -1.74 12.19 7.79
N LYS A 108 -2.13 12.44 6.54
CA LYS A 108 -2.28 13.80 5.95
C LYS A 108 -3.11 14.65 6.92
N GLU A 109 -4.30 14.17 7.29
CA GLU A 109 -5.27 14.96 8.08
C GLU A 109 -4.73 15.16 9.50
N ASN A 110 -3.88 14.26 9.96
CA ASN A 110 -3.24 14.33 11.30
C ASN A 110 -1.96 15.16 11.21
N GLY A 111 -1.89 16.09 10.25
CA GLY A 111 -0.77 17.04 10.10
C GLY A 111 0.53 16.36 9.72
N PHE A 112 0.45 15.26 8.95
CA PHE A 112 1.60 14.44 8.49
C PHE A 112 2.39 13.89 9.70
N LEU A 113 1.71 13.67 10.83
CA LEU A 113 2.28 13.00 12.02
C LEU A 113 2.31 11.49 11.78
N PRO A 114 3.37 10.79 12.26
CA PRO A 114 3.43 9.34 12.17
C PRO A 114 2.41 8.70 13.11
N PHE A 115 2.06 7.44 12.88
CA PHE A 115 1.26 6.61 13.82
C PHE A 115 2.13 6.27 15.04
N ARG A 116 1.51 6.09 16.21
CA ARG A 116 2.21 5.64 17.43
C ARG A 116 2.41 4.13 17.30
N LEU A 117 3.45 3.61 17.95
CA LEU A 117 4.05 2.28 17.64
C LEU A 117 3.04 1.15 17.86
N ASP A 118 2.22 1.22 18.91
CA ASP A 118 1.30 0.11 19.26
C ASP A 118 0.26 -0.05 18.12
N HIS A 119 -0.08 1.05 17.43
CA HIS A 119 -0.98 1.06 16.23
C HIS A 119 -0.23 0.51 15.01
N ILE A 120 1.04 0.87 14.83
CA ILE A 120 1.86 0.41 13.68
C ILE A 120 1.93 -1.12 13.73
N ARG A 121 2.10 -1.69 14.93
CA ARG A 121 2.27 -3.15 15.16
C ARG A 121 1.00 -3.88 14.71
N LYS A 122 -0.16 -3.41 15.17
CA LYS A 122 -1.49 -4.00 14.85
C LYS A 122 -1.74 -3.89 13.35
N MET A 123 -1.39 -2.75 12.74
CA MET A 123 -1.67 -2.47 11.31
C MET A 123 -0.72 -3.30 10.43
N ALA A 124 0.56 -3.33 10.81
CA ALA A 124 1.63 -4.12 10.15
C ALA A 124 1.23 -5.60 10.11
N TYR A 125 0.67 -6.13 11.20
CA TYR A 125 0.28 -7.54 11.34
C TYR A 125 -0.84 -7.87 10.34
N GLN A 126 -1.93 -7.09 10.40
CA GLN A 126 -3.14 -7.28 9.55
C GLN A 126 -2.77 -7.11 8.06
N ILE A 127 -1.88 -6.17 7.76
CA ILE A 127 -1.38 -6.00 6.36
C ILE A 127 -0.65 -7.29 5.95
N CYS A 128 0.18 -7.84 6.82
CA CYS A 128 1.07 -9.00 6.51
C CYS A 128 0.21 -10.26 6.41
N LYS A 129 -0.74 -10.42 7.33
CA LYS A 129 -1.69 -11.56 7.34
C LYS A 129 -2.48 -11.55 6.03
N SER A 130 -3.06 -10.40 5.67
CA SER A 130 -3.93 -10.25 4.47
C SER A 130 -3.13 -10.51 3.19
N VAL A 131 -2.01 -9.82 3.01
CA VAL A 131 -1.19 -9.94 1.77
C VAL A 131 -0.62 -11.36 1.70
N ASN A 132 -0.35 -12.01 2.84
CA ASN A 132 0.19 -13.39 2.86
C ASN A 132 -0.88 -14.35 2.33
N PHE A 133 -2.15 -14.08 2.64
CA PHE A 133 -3.31 -14.83 2.13
C PHE A 133 -3.34 -14.77 0.59
N LEU A 134 -2.95 -13.64 -0.02
CA LEU A 134 -2.79 -13.51 -1.49
C LEU A 134 -1.67 -14.44 -1.93
N HIS A 135 -0.57 -14.43 -1.16
CA HIS A 135 0.69 -15.17 -1.48
C HIS A 135 0.40 -16.67 -1.38
N SER A 136 -0.46 -17.10 -0.44
CA SER A 136 -0.95 -18.49 -0.27
C SER A 136 -1.76 -18.93 -1.50
N ASN A 137 -2.34 -17.98 -2.25
CA ASN A 137 -3.26 -18.26 -3.39
C ASN A 137 -2.63 -17.74 -4.68
N LYS A 138 -1.30 -17.84 -4.81
CA LYS A 138 -0.55 -17.62 -6.08
C LYS A 138 -0.87 -16.24 -6.68
N LEU A 139 -1.02 -15.22 -5.82
CA LEU A 139 -1.26 -13.81 -6.25
C LEU A 139 -0.20 -12.90 -5.63
N THR A 140 0.14 -11.84 -6.36
CA THR A 140 0.95 -10.68 -5.91
C THR A 140 0.11 -9.42 -6.16
N HIS A 141 -0.12 -8.61 -5.13
CA HIS A 141 -0.93 -7.36 -5.21
C HIS A 141 -0.28 -6.38 -6.19
N THR A 142 1.00 -6.09 -5.99
CA THR A 142 1.90 -5.33 -6.91
C THR A 142 1.86 -3.83 -6.65
N ASP A 143 0.85 -3.35 -5.90
CA ASP A 143 0.53 -1.91 -5.77
C ASP A 143 0.17 -1.58 -4.32
N LEU A 144 0.92 -2.12 -3.36
CA LEU A 144 0.69 -1.83 -1.93
C LEU A 144 1.27 -0.45 -1.63
N LYS A 145 0.49 0.38 -0.94
CA LYS A 145 0.85 1.75 -0.53
C LYS A 145 -0.16 2.20 0.51
N PRO A 146 0.13 3.26 1.30
CA PRO A 146 -0.77 3.66 2.37
C PRO A 146 -2.19 3.94 1.87
N GLU A 147 -2.30 4.50 0.65
CA GLU A 147 -3.60 4.89 0.01
C GLU A 147 -4.50 3.66 -0.16
N ASN A 148 -3.91 2.46 -0.35
CA ASN A 148 -4.66 1.20 -0.62
C ASN A 148 -4.82 0.37 0.66
N ILE A 149 -4.51 0.96 1.82
CA ILE A 149 -4.86 0.34 3.14
C ILE A 149 -5.91 1.25 3.80
N LEU A 150 -7.13 0.73 4.00
CA LEU A 150 -8.28 1.52 4.52
C LEU A 150 -8.62 1.06 5.93
N PHE A 151 -9.00 2.00 6.79
CA PHE A 151 -9.54 1.72 8.14
C PHE A 151 -11.01 1.27 8.01
N VAL A 152 -11.38 0.20 8.71
CA VAL A 152 -12.79 -0.26 8.85
C VAL A 152 -13.59 0.92 9.42
N GLN A 153 -13.19 1.35 10.61
CA GLN A 153 -13.68 2.55 11.35
C GLN A 153 -12.55 3.59 11.36
N SER A 154 -12.88 4.85 11.14
CA SER A 154 -11.89 5.97 11.07
C SER A 154 -11.99 6.86 12.31
N ASP A 155 -12.97 6.62 13.18
CA ASP A 155 -13.23 7.47 14.38
C ASP A 155 -11.95 7.57 15.21
N TYR A 156 -11.70 8.75 15.78
CA TYR A 156 -10.45 9.10 16.49
C TYR A 156 -10.73 10.07 17.64
N THR A 157 -9.83 10.12 18.62
CA THR A 157 -9.79 11.15 19.70
C THR A 157 -8.67 12.15 19.34
N GLU A 158 -8.86 13.43 19.67
CA GLU A 158 -7.83 14.48 19.43
C GLU A 158 -7.33 14.97 20.79
N ALA A 159 -6.01 15.19 20.95
CA ALA A 159 -5.35 15.65 22.19
C ALA A 159 -4.03 16.37 21.88
N TYR A 160 -3.73 17.43 22.63
CA TYR A 160 -2.51 18.29 22.49
C TYR A 160 -1.30 17.56 23.09
N ASN A 161 -0.36 17.10 22.26
CA ASN A 161 0.90 16.44 22.71
C ASN A 161 1.98 17.51 22.90
N PRO A 162 2.39 17.82 24.15
CA PRO A 162 3.38 18.87 24.41
C PRO A 162 4.80 18.38 24.06
N LYS A 163 4.96 17.07 23.83
CA LYS A 163 6.20 16.44 23.31
C LYS A 163 6.52 17.03 21.92
N ILE A 164 5.48 17.29 21.11
CA ILE A 164 5.59 17.77 19.69
C ILE A 164 4.92 19.13 19.49
N LYS A 165 4.24 19.68 20.52
CA LYS A 165 3.66 21.06 20.57
C LYS A 165 2.62 21.27 19.45
N ARG A 166 1.77 20.27 19.18
CA ARG A 166 0.63 20.32 18.22
C ARG A 166 -0.48 19.36 18.67
N ASP A 167 -1.67 19.45 18.09
CA ASP A 167 -2.82 18.55 18.40
C ASP A 167 -2.64 17.23 17.64
N GLU A 168 -2.82 16.10 18.32
CA GLU A 168 -2.58 14.72 17.79
C GLU A 168 -3.89 13.93 17.80
N ARG A 169 -4.23 13.33 16.67
CA ARG A 169 -5.43 12.47 16.48
C ARG A 169 -5.03 11.00 16.63
N THR A 170 -5.80 10.25 17.42
CA THR A 170 -5.52 8.82 17.75
C THR A 170 -6.76 8.00 17.39
N LEU A 171 -6.56 6.90 16.65
CA LEU A 171 -7.64 5.97 16.26
C LEU A 171 -8.14 5.22 17.50
N ILE A 172 -9.45 5.04 17.56
CA ILE A 172 -10.14 4.16 18.54
C ILE A 172 -9.89 2.71 18.12
N ASN A 173 -10.37 2.32 16.94
CA ASN A 173 -10.11 1.01 16.30
C ASN A 173 -9.19 1.25 15.11
N PRO A 174 -7.91 0.79 15.16
CA PRO A 174 -7.00 0.92 14.02
C PRO A 174 -7.08 -0.24 13.02
N ASP A 175 -8.06 -1.14 13.17
CA ASP A 175 -8.30 -2.29 12.25
C ASP A 175 -8.34 -1.79 10.80
N ILE A 176 -7.66 -2.49 9.89
CA ILE A 176 -7.56 -2.13 8.45
C ILE A 176 -7.99 -3.33 7.60
N LYS A 177 -8.38 -3.02 6.36
CA LYS A 177 -8.50 -3.97 5.23
C LYS A 177 -7.66 -3.43 4.09
N VAL A 178 -7.37 -4.29 3.10
CA VAL A 178 -6.55 -4.00 1.90
C VAL A 178 -7.49 -3.90 0.69
N VAL A 179 -7.27 -2.90 -0.17
CA VAL A 179 -8.15 -2.58 -1.34
C VAL A 179 -7.30 -2.50 -2.62
N ASP A 180 -7.99 -2.37 -3.76
CA ASP A 180 -7.43 -2.17 -5.12
C ASP A 180 -6.65 -3.42 -5.55
N PHE A 181 -7.37 -4.40 -6.09
CA PHE A 181 -6.82 -5.63 -6.70
C PHE A 181 -6.88 -5.54 -8.22
N GLY A 182 -6.84 -4.31 -8.76
CA GLY A 182 -6.87 -4.04 -10.21
C GLY A 182 -5.56 -4.41 -10.88
N SER A 183 -4.46 -4.46 -10.12
CA SER A 183 -3.08 -4.75 -10.63
C SER A 183 -2.61 -6.13 -10.14
N ALA A 184 -3.40 -6.82 -9.32
CA ALA A 184 -3.05 -8.13 -8.75
C ALA A 184 -2.84 -9.12 -9.89
N THR A 185 -1.71 -9.82 -9.89
CA THR A 185 -1.24 -10.75 -10.94
C THR A 185 -1.07 -12.16 -10.35
N TYR A 186 -1.56 -13.18 -11.07
CA TYR A 186 -1.37 -14.61 -10.72
C TYR A 186 0.05 -15.02 -11.12
N ASP A 187 0.61 -16.03 -10.45
CA ASP A 187 1.94 -16.60 -10.75
C ASP A 187 1.99 -17.08 -12.21
N ASP A 188 0.88 -17.66 -12.70
CA ASP A 188 0.75 -18.27 -14.05
C ASP A 188 0.40 -17.22 -15.11
N GLU A 189 0.03 -15.99 -14.71
CA GLU A 189 -0.36 -14.89 -15.62
C GLU A 189 0.86 -14.11 -16.10
N HIS A 190 0.65 -13.24 -17.10
CA HIS A 190 1.66 -12.31 -17.67
C HIS A 190 2.01 -11.23 -16.64
N HIS A 191 3.31 -10.98 -16.45
CA HIS A 191 3.88 -10.00 -15.48
C HIS A 191 4.28 -8.73 -16.23
N SER A 192 3.60 -7.60 -15.95
CA SER A 192 3.92 -6.25 -16.48
C SER A 192 5.38 -5.89 -16.16
N THR A 193 6.06 -5.18 -17.06
CA THR A 193 7.45 -4.67 -16.87
C THR A 193 7.48 -3.69 -15.71
N LEU A 194 6.45 -2.84 -15.62
CA LEU A 194 6.31 -1.82 -14.55
C LEU A 194 5.11 -2.21 -13.67
N VAL A 195 5.34 -2.24 -12.36
CA VAL A 195 4.28 -2.40 -11.31
C VAL A 195 4.65 -1.51 -10.13
N SER A 196 3.68 -1.22 -9.25
CA SER A 196 3.86 -0.47 -7.99
C SER A 196 4.02 1.03 -8.29
N THR A 197 3.74 1.88 -7.29
CA THR A 197 3.85 3.37 -7.36
C THR A 197 5.26 3.79 -6.97
N ARG A 198 5.90 4.62 -7.81
CA ARG A 198 7.28 5.16 -7.62
C ARG A 198 7.86 4.73 -6.27
N HIS A 199 7.45 5.36 -5.17
CA HIS A 199 8.13 5.29 -3.84
C HIS A 199 8.18 3.85 -3.32
N TYR A 200 7.22 3.00 -3.69
CA TYR A 200 7.04 1.64 -3.12
C TYR A 200 7.38 0.56 -4.15
N ARG A 201 8.18 0.91 -5.18
CA ARG A 201 8.65 -0.05 -6.22
C ARG A 201 9.92 -0.77 -5.72
N ALA A 202 9.93 -2.10 -5.80
CA ALA A 202 11.05 -2.95 -5.32
C ALA A 202 12.20 -2.89 -6.33
N PRO A 203 13.46 -3.12 -5.88
CA PRO A 203 14.61 -2.96 -6.76
C PRO A 203 14.58 -3.96 -7.94
N GLU A 204 14.08 -5.18 -7.71
CA GLU A 204 13.93 -6.19 -8.78
C GLU A 204 13.03 -5.61 -9.88
N VAL A 205 12.04 -4.80 -9.50
CA VAL A 205 11.03 -4.23 -10.44
C VAL A 205 11.69 -3.12 -11.26
N ILE A 206 12.47 -2.26 -10.60
CA ILE A 206 13.19 -1.10 -11.22
C ILE A 206 14.19 -1.65 -12.23
N LEU A 207 14.88 -2.76 -11.90
CA LEU A 207 16.02 -3.29 -12.70
C LEU A 207 15.56 -4.33 -13.71
N ALA A 208 14.25 -4.63 -13.78
CA ALA A 208 13.66 -5.56 -14.77
C ALA A 208 14.37 -6.92 -14.69
N LEU A 209 14.41 -7.50 -13.49
CA LEU A 209 14.96 -8.85 -13.19
C LEU A 209 13.81 -9.83 -12.94
N GLY A 210 12.58 -9.45 -13.30
CA GLY A 210 11.35 -10.21 -12.98
C GLY A 210 10.97 -10.00 -11.53
N TRP A 211 9.74 -10.34 -11.16
CA TRP A 211 9.20 -10.08 -9.80
C TRP A 211 8.06 -11.05 -9.49
N SER A 212 7.66 -11.05 -8.22
CA SER A 212 6.65 -11.97 -7.65
C SER A 212 6.33 -11.52 -6.23
N GLN A 213 5.78 -12.42 -5.42
CA GLN A 213 5.34 -12.15 -4.03
C GLN A 213 6.31 -11.21 -3.31
N PRO A 214 7.64 -11.38 -3.42
CA PRO A 214 8.59 -10.50 -2.71
C PRO A 214 8.44 -9.00 -2.98
N CYS A 215 8.09 -8.58 -4.21
CA CYS A 215 7.95 -7.13 -4.55
C CYS A 215 6.87 -6.48 -3.66
N ASP A 216 5.91 -7.27 -3.18
CA ASP A 216 4.90 -6.82 -2.19
C ASP A 216 5.57 -6.59 -0.84
N VAL A 217 6.43 -7.51 -0.39
CA VAL A 217 7.08 -7.42 0.94
C VAL A 217 7.90 -6.13 0.99
N TRP A 218 8.66 -5.82 -0.07
CA TRP A 218 9.37 -4.52 -0.20
C TRP A 218 8.39 -3.39 0.13
N SER A 219 7.33 -3.27 -0.66
CA SER A 219 6.30 -2.21 -0.56
C SER A 219 5.86 -2.09 0.90
N ILE A 220 5.59 -3.21 1.56
CA ILE A 220 5.14 -3.19 2.99
C ILE A 220 6.24 -2.51 3.81
N GLY A 221 7.48 -2.97 3.66
CA GLY A 221 8.66 -2.34 4.28
C GLY A 221 8.58 -0.82 4.18
N CYS A 222 8.38 -0.30 2.97
CA CYS A 222 8.23 1.15 2.68
C CYS A 222 7.00 1.71 3.40
N ILE A 223 5.89 0.99 3.38
CA ILE A 223 4.67 1.43 4.12
C ILE A 223 5.06 1.66 5.58
N LEU A 224 5.64 0.66 6.24
CA LEU A 224 5.87 0.70 7.71
C LEU A 224 6.81 1.87 8.08
N ILE A 225 7.76 2.24 7.22
CA ILE A 225 8.60 3.47 7.41
C ILE A 225 7.70 4.71 7.39
N GLU A 226 6.90 4.89 6.32
CA GLU A 226 5.94 6.01 6.18
C GLU A 226 5.15 6.15 7.48
N TYR A 227 4.59 5.06 7.97
CA TYR A 227 3.78 5.03 9.22
C TYR A 227 4.64 5.49 10.40
N TYR A 228 5.91 5.07 10.42
CA TYR A 228 6.85 5.37 11.52
C TYR A 228 7.26 6.83 11.49
N LEU A 229 7.40 7.45 10.30
CA LEU A 229 7.94 8.82 10.14
C LEU A 229 6.86 9.82 9.72
N GLY A 230 5.85 9.41 8.95
CA GLY A 230 4.77 10.28 8.44
C GLY A 230 5.04 10.76 7.02
N PHE A 231 6.23 10.49 6.51
CA PHE A 231 6.64 10.77 5.11
C PHE A 231 7.40 9.53 4.63
N THR A 232 7.53 9.36 3.32
CA THR A 232 8.34 8.28 2.70
C THR A 232 9.81 8.63 2.94
N VAL A 233 10.72 7.64 2.89
CA VAL A 233 12.20 7.91 2.88
C VAL A 233 12.66 7.93 1.43
N PHE A 234 11.77 7.60 0.49
CA PHE A 234 12.03 7.62 -0.98
C PHE A 234 11.17 8.70 -1.64
N PRO A 235 11.45 10.00 -1.39
CA PRO A 235 10.69 11.09 -2.02
C PRO A 235 11.18 11.46 -3.42
N THR A 236 10.62 10.84 -4.46
CA THR A 236 11.08 10.98 -5.87
C THR A 236 10.09 10.38 -6.89
N HIS A 237 10.11 10.91 -8.13
CA HIS A 237 9.42 10.36 -9.32
C HIS A 237 10.39 9.45 -10.11
N ASP A 238 11.68 9.78 -10.12
CA ASP A 238 12.71 9.28 -11.06
C ASP A 238 13.32 7.94 -10.58
N SER A 239 13.46 6.98 -11.51
CA SER A 239 14.00 5.61 -11.27
C SER A 239 15.41 5.66 -10.68
N LYS A 240 16.36 6.28 -11.40
CA LYS A 240 17.80 6.27 -11.05
C LYS A 240 17.99 6.92 -9.67
N GLU A 241 17.28 8.02 -9.40
CA GLU A 241 17.32 8.75 -8.11
C GLU A 241 16.93 7.77 -6.98
N HIS A 242 15.90 6.96 -7.19
CA HIS A 242 15.39 5.96 -6.22
C HIS A 242 16.54 5.03 -5.79
N LEU A 243 17.26 4.46 -6.76
CA LEU A 243 18.35 3.48 -6.51
C LEU A 243 19.47 4.18 -5.72
N ALA A 244 19.72 5.46 -6.02
CA ALA A 244 20.72 6.31 -5.34
C ALA A 244 20.34 6.48 -3.87
N MET A 245 19.05 6.72 -3.59
CA MET A 245 18.53 6.86 -2.21
C MET A 245 18.66 5.51 -1.50
N MET A 246 18.21 4.43 -2.16
CA MET A 246 18.39 3.03 -1.70
C MET A 246 19.84 2.83 -1.25
N GLU A 247 20.79 3.22 -2.10
CA GLU A 247 22.26 3.04 -1.87
C GLU A 247 22.66 3.74 -0.57
N ARG A 248 22.14 4.94 -0.30
CA ARG A 248 22.54 5.77 0.88
C ARG A 248 21.93 5.16 2.15
N ILE A 249 20.72 4.61 2.07
CA ILE A 249 19.92 4.14 3.24
C ILE A 249 20.28 2.68 3.56
N LEU A 250 20.26 1.81 2.54
CA LEU A 250 20.36 0.34 2.70
C LEU A 250 21.78 -0.16 2.41
N GLY A 251 22.59 0.61 1.66
CA GLY A 251 23.95 0.24 1.27
C GLY A 251 24.01 -0.19 -0.19
N PRO A 252 25.18 -0.67 -0.68
CA PRO A 252 25.38 -0.88 -2.11
C PRO A 252 24.50 -2.02 -2.65
N LEU A 253 24.05 -1.90 -3.90
CA LEU A 253 23.25 -2.93 -4.60
C LEU A 253 24.10 -4.20 -4.71
N PRO A 254 23.50 -5.41 -4.65
CA PRO A 254 24.24 -6.65 -4.83
C PRO A 254 24.89 -6.78 -6.22
N LYS A 255 26.09 -7.37 -6.25
CA LYS A 255 26.94 -7.55 -7.46
C LYS A 255 26.13 -8.22 -8.58
N HIS A 256 25.46 -9.32 -8.27
CA HIS A 256 24.74 -10.17 -9.25
C HIS A 256 23.59 -9.38 -9.92
N MET A 257 22.87 -8.55 -9.16
CA MET A 257 21.71 -7.76 -9.65
C MET A 257 22.20 -6.66 -10.61
N ILE A 258 23.30 -5.99 -10.26
CA ILE A 258 23.95 -4.93 -11.10
C ILE A 258 24.45 -5.58 -12.40
N GLN A 259 24.96 -6.81 -12.30
CA GLN A 259 25.47 -7.58 -13.46
C GLN A 259 24.29 -7.85 -14.42
N LYS A 260 23.23 -8.50 -13.93
CA LYS A 260 22.21 -9.20 -14.76
C LYS A 260 21.19 -8.22 -15.37
N THR A 261 21.12 -6.97 -14.91
CA THR A 261 20.06 -6.00 -15.29
C THR A 261 20.25 -5.53 -16.74
N ARG A 262 19.16 -5.51 -17.51
CA ARG A 262 19.13 -5.02 -18.93
C ARG A 262 18.96 -3.49 -18.95
N LYS A 263 18.63 -2.88 -17.81
CA LYS A 263 18.58 -1.41 -17.61
C LYS A 263 19.98 -0.92 -17.22
N ARG A 264 20.96 -1.03 -18.12
CA ARG A 264 22.38 -0.66 -17.86
C ARG A 264 22.56 0.86 -18.04
N LYS A 265 21.49 1.55 -18.45
CA LYS A 265 21.37 3.04 -18.45
C LYS A 265 21.74 3.57 -17.07
N TYR A 266 21.27 2.91 -16.00
CA TYR A 266 21.38 3.35 -14.58
C TYR A 266 22.80 3.13 -14.02
N PHE A 267 23.69 2.42 -14.73
CA PHE A 267 25.01 1.99 -14.19
C PHE A 267 26.15 2.44 -15.10
N HIS A 268 27.31 2.71 -14.49
CA HIS A 268 28.62 2.99 -15.14
C HIS A 268 29.62 1.97 -14.60
N HIS A 269 29.96 0.97 -15.43
CA HIS A 269 30.67 -0.26 -15.00
C HIS A 269 29.87 -0.91 -13.85
N ASP A 270 30.37 -0.82 -12.61
CA ASP A 270 29.87 -1.58 -11.42
C ASP A 270 29.28 -0.65 -10.35
N ARG A 271 29.14 0.65 -10.62
CA ARG A 271 28.56 1.63 -9.66
C ARG A 271 27.37 2.32 -10.35
N LEU A 272 26.44 2.85 -9.58
CA LEU A 272 25.28 3.66 -10.08
C LEU A 272 25.84 4.91 -10.77
N ASP A 273 25.42 5.19 -12.01
CA ASP A 273 25.84 6.38 -12.81
C ASP A 273 25.24 7.63 -12.16
N TRP A 274 25.99 8.28 -11.25
CA TRP A 274 25.47 9.27 -10.28
C TRP A 274 26.50 10.37 -9.97
N ASP A 275 26.21 11.61 -10.35
CA ASP A 275 26.95 12.83 -9.91
C ASP A 275 26.33 13.30 -8.58
N GLU A 276 26.93 12.93 -7.45
CA GLU A 276 26.43 13.22 -6.08
C GLU A 276 26.36 14.74 -5.85
N HIS A 277 27.01 15.52 -6.72
CA HIS A 277 27.19 17.00 -6.62
C HIS A 277 26.20 17.73 -7.55
N SER A 278 25.07 17.12 -7.91
CA SER A 278 24.04 17.70 -8.83
C SER A 278 22.73 17.95 -8.08
N SER A 279 21.74 18.54 -8.75
CA SER A 279 20.41 18.92 -8.19
C SER A 279 19.78 17.76 -7.43
N ALA A 280 19.58 16.63 -8.11
CA ALA A 280 19.10 15.35 -7.53
C ALA A 280 20.13 14.80 -6.53
N GLY A 281 21.43 14.94 -6.83
CA GLY A 281 22.55 14.45 -6.00
C GLY A 281 22.52 14.99 -4.58
N ARG A 282 22.75 16.30 -4.42
CA ARG A 282 22.83 17.01 -3.11
C ARG A 282 21.57 16.72 -2.29
N TYR A 283 20.42 16.79 -2.95
CA TYR A 283 19.07 16.49 -2.40
C TYR A 283 19.08 15.12 -1.72
N VAL A 284 19.70 14.12 -2.35
CA VAL A 284 19.78 12.72 -1.85
C VAL A 284 20.71 12.66 -0.63
N SER A 285 21.88 13.30 -0.72
CA SER A 285 22.86 13.41 0.39
C SER A 285 22.20 14.04 1.63
N ARG A 286 21.33 15.04 1.41
CA ARG A 286 20.64 15.82 2.48
C ARG A 286 19.46 15.01 3.01
N ALA A 287 18.62 14.48 2.12
CA ALA A 287 17.28 13.91 2.43
C ALA A 287 17.38 12.45 2.88
N CYS A 288 18.53 11.78 2.72
CA CYS A 288 18.71 10.34 3.03
C CYS A 288 19.91 10.10 3.94
N LYS A 289 19.85 9.01 4.69
CA LYS A 289 20.91 8.56 5.65
C LYS A 289 20.66 7.09 5.96
N PRO A 290 21.69 6.35 6.44
CA PRO A 290 21.50 4.94 6.82
C PRO A 290 20.21 4.73 7.62
N LEU A 291 19.47 3.67 7.27
CA LEU A 291 18.09 3.38 7.76
C LEU A 291 17.98 3.62 9.27
N LYS A 292 18.90 3.04 10.06
CA LYS A 292 18.81 3.01 11.54
C LYS A 292 18.89 4.42 12.13
N GLU A 293 19.48 5.38 11.41
CA GLU A 293 19.58 6.81 11.87
C GLU A 293 18.20 7.47 11.85
N PHE A 294 17.17 6.81 11.31
CA PHE A 294 15.78 7.34 11.28
C PHE A 294 15.03 6.94 12.55
N MET A 295 15.50 5.94 13.31
CA MET A 295 14.87 5.49 14.59
C MET A 295 14.78 6.68 15.56
N LEU A 296 13.59 6.99 16.06
CA LEU A 296 13.32 8.16 16.93
C LEU A 296 13.67 7.80 18.38
N SER A 297 13.54 6.52 18.73
CA SER A 297 13.89 5.93 20.05
C SER A 297 14.85 4.76 19.84
N GLN A 298 15.58 4.41 20.90
CA GLN A 298 16.48 3.23 20.97
C GLN A 298 15.80 2.14 21.83
N ASP A 299 14.58 2.39 22.31
CA ASP A 299 13.73 1.38 23.01
C ASP A 299 13.72 0.10 22.19
N VAL A 300 13.76 -1.05 22.85
CA VAL A 300 13.87 -2.41 22.24
C VAL A 300 12.77 -2.58 21.17
N GLU A 301 11.59 -2.05 21.45
CA GLU A 301 10.37 -2.25 20.61
C GLU A 301 10.55 -1.57 19.25
N HIS A 302 11.26 -0.43 19.20
CA HIS A 302 11.58 0.31 17.96
C HIS A 302 12.61 -0.49 17.16
N GLU A 303 13.67 -0.95 17.81
CA GLU A 303 14.77 -1.69 17.13
C GLU A 303 14.19 -2.97 16.50
N ARG A 304 13.27 -3.65 17.16
CA ARG A 304 12.73 -4.93 16.62
C ARG A 304 11.78 -4.61 15.44
N LEU A 305 11.08 -3.47 15.47
CA LEU A 305 10.37 -2.96 14.27
C LEU A 305 11.39 -2.71 13.15
N PHE A 306 12.51 -2.06 13.47
CA PHE A 306 13.49 -1.59 12.46
C PHE A 306 14.28 -2.77 11.89
N ASP A 307 14.37 -3.86 12.66
CA ASP A 307 14.98 -5.13 12.21
C ASP A 307 14.06 -5.76 11.14
N LEU A 308 12.74 -5.74 11.36
CA LEU A 308 11.73 -6.28 10.39
C LEU A 308 11.79 -5.48 9.09
N ILE A 309 11.71 -4.16 9.20
CA ILE A 309 11.80 -3.21 8.05
C ILE A 309 13.09 -3.52 7.27
N GLN A 310 14.22 -3.67 7.96
CA GLN A 310 15.53 -4.04 7.35
C GLN A 310 15.41 -5.39 6.62
N LYS A 311 14.73 -6.37 7.21
CA LYS A 311 14.54 -7.71 6.61
C LYS A 311 13.62 -7.60 5.39
N MET A 312 12.60 -6.74 5.46
CA MET A 312 11.65 -6.50 4.34
C MET A 312 12.36 -5.77 3.19
N LEU A 313 13.38 -4.97 3.48
CA LEU A 313 14.12 -4.16 2.48
C LEU A 313 15.43 -4.87 2.10
N GLU A 314 15.50 -6.20 2.25
CA GLU A 314 16.55 -7.05 1.60
C GLU A 314 16.52 -6.76 0.10
N TYR A 315 17.69 -6.53 -0.49
CA TYR A 315 17.86 -6.23 -1.93
C TYR A 315 17.48 -7.45 -2.76
N ASP A 316 17.93 -8.65 -2.34
CA ASP A 316 17.71 -9.93 -3.05
C ASP A 316 16.34 -10.49 -2.71
N PRO A 317 15.39 -10.54 -3.67
CA PRO A 317 14.04 -11.04 -3.41
C PRO A 317 13.96 -12.47 -2.85
N ALA A 318 14.92 -13.33 -3.21
CA ALA A 318 15.01 -14.74 -2.75
C ALA A 318 15.33 -14.76 -1.25
N LYS A 319 16.32 -13.96 -0.82
CA LYS A 319 16.74 -13.83 0.59
C LYS A 319 15.64 -13.12 1.37
N ARG A 320 14.95 -12.17 0.74
CA ARG A 320 13.97 -11.26 1.38
C ARG A 320 13.00 -12.11 2.20
N ILE A 321 12.76 -11.69 3.44
CA ILE A 321 11.84 -12.36 4.40
C ILE A 321 10.48 -12.50 3.71
N THR A 322 9.85 -13.67 3.84
CA THR A 322 8.45 -13.87 3.40
C THR A 322 7.53 -13.37 4.52
N LEU A 323 6.24 -13.18 4.21
CA LEU A 323 5.25 -12.67 5.18
C LEU A 323 4.90 -13.77 6.18
N ARG A 324 5.03 -15.04 5.80
CA ARG A 324 4.84 -16.18 6.74
C ARG A 324 5.89 -16.05 7.85
N GLU A 325 7.12 -15.72 7.50
CA GLU A 325 8.22 -15.45 8.45
C GLU A 325 7.96 -14.11 9.15
N ALA A 326 7.56 -13.08 8.40
CA ALA A 326 7.27 -11.73 8.92
C ALA A 326 6.23 -11.82 10.04
N LEU A 327 5.23 -12.69 9.90
CA LEU A 327 4.16 -12.83 10.93
C LEU A 327 4.74 -13.46 12.20
N LYS A 328 5.90 -14.11 12.12
CA LYS A 328 6.56 -14.80 13.25
C LYS A 328 7.55 -13.85 13.95
N HIS A 329 7.94 -12.76 13.29
CA HIS A 329 8.99 -11.83 13.76
C HIS A 329 8.67 -11.35 15.18
N PRO A 330 9.70 -11.15 16.04
CA PRO A 330 9.51 -10.71 17.42
C PRO A 330 8.68 -9.43 17.64
N PHE A 331 8.68 -8.52 16.67
CA PHE A 331 7.91 -7.25 16.71
C PHE A 331 6.45 -7.52 17.07
N PHE A 332 5.94 -8.70 16.72
CA PHE A 332 4.50 -9.07 16.85
C PHE A 332 4.28 -9.98 18.06
N ASP A 333 5.34 -10.33 18.78
CA ASP A 333 5.24 -11.15 20.01
C ASP A 333 4.27 -10.47 20.97
N LEU A 334 4.31 -9.13 21.06
CA LEU A 334 3.51 -8.32 22.01
C LEU A 334 2.01 -8.39 21.68
N LEU A 335 1.61 -8.82 20.48
CA LEU A 335 0.19 -8.96 20.07
C LEU A 335 -0.37 -10.30 20.58
N LYS A 336 0.48 -11.31 20.75
CA LYS A 336 0.10 -12.73 21.01
C LYS A 336 0.13 -13.04 22.52
N LYS A 337 0.57 -12.08 23.34
CA LYS A 337 0.55 -12.16 24.83
C LYS A 337 -0.89 -11.96 25.32
N SER A 338 -1.39 -12.87 26.17
CA SER A 338 -2.78 -12.85 26.73
C SER A 338 -3.03 -11.56 27.51
#